data_9CEH
#
_entry.id   9CEH
#
_cell.length_a   88.238
_cell.length_b   88.238
_cell.length_c   96.523
_cell.angle_alpha   90.00
_cell.angle_beta   90.00
_cell.angle_gamma   120.00
#
_symmetry.space_group_name_H-M   'P 32 1 2'
#
loop_
_entity.id
_entity.type
_entity.pdbx_description
1 polymer 'Papain-like protease nsp3'
2 non-polymer N-[(2R)-1-(naphthalen-1-yl)propan-2-yl]-2-[3-oxo-3-(2-{4-oxo-4-[(pyridin-3-yl)amino]butanoyl}hydrazin-1-yl)propyl]benzamide
#
_entity_poly.entity_id   1
_entity_poly.type   'polypeptide(L)'
_entity_poly.pdbx_seq_one_letter_code
;KTIKVFTTVDNTNLHTQLVDMSMTYGQQFGPTYLDGADVTKIKPHVNHEGKTFFVLPSDDTLRSEAFEYYHTLDESFLGR
YMSALNHTKKWKFPQVGGLTSIKWADNNCYLSSVLLALQQLEVKFNAPALQEAYYRARAGDAANFCALILAYSNKTVGEL
GDVRETMTHLLQHANLESAKRVLNVVCKHCGQKTTTLTGVEAVMYMGTLSYDNLKTGVSIPCVCGRDATQYLVQQESSFV
MMSAPPAEYKLQQGTFLCANEYTGNYQCGHYTHITAKETLYRIDGAHLTKMSEYKGPVTDVFYKETSYTT
;
_entity_poly.pdbx_strand_id   A
#
# COMPACT_ATOMS: atom_id res chain seq x y z
N LYS A 1 -25.36 -16.02 -26.30
CA LYS A 1 -24.10 -16.15 -25.57
C LYS A 1 -23.23 -14.87 -25.58
N THR A 2 -23.88 -13.70 -25.60
CA THR A 2 -23.20 -12.42 -25.79
C THR A 2 -23.45 -11.50 -24.61
N ILE A 3 -22.41 -10.77 -24.22
CA ILE A 3 -22.52 -9.67 -23.26
C ILE A 3 -21.79 -8.47 -23.86
N LYS A 4 -22.36 -7.29 -23.67
CA LYS A 4 -21.76 -6.08 -24.19
C LYS A 4 -20.60 -5.70 -23.28
N VAL A 5 -19.46 -5.30 -23.86
CA VAL A 5 -18.25 -5.01 -23.10
C VAL A 5 -17.43 -3.95 -23.82
N PHE A 6 -16.81 -3.05 -23.05
CA PHE A 6 -16.04 -1.95 -23.63
C PHE A 6 -14.57 -2.33 -23.64
N THR A 7 -13.92 -2.13 -24.77
CA THR A 7 -12.52 -2.50 -24.98
C THR A 7 -11.71 -1.29 -25.34
N THR A 8 -10.85 -0.86 -24.41
CA THR A 8 -9.80 0.12 -24.69
C THR A 8 -8.43 -0.53 -24.75
N VAL A 9 -7.66 -0.13 -25.74
CA VAL A 9 -6.24 -0.43 -25.75
C VAL A 9 -5.37 0.77 -25.40
N ASP A 10 -5.88 2.00 -25.53
CA ASP A 10 -5.11 3.22 -25.29
C ASP A 10 -5.54 3.97 -24.03
N ASN A 11 -6.58 3.52 -23.35
CA ASN A 11 -7.22 4.23 -22.25
C ASN A 11 -7.66 5.65 -22.62
N THR A 12 -7.52 6.02 -23.88
CA THR A 12 -8.13 7.27 -24.32
C THR A 12 -9.47 6.98 -24.98
N ASN A 13 -9.47 6.15 -26.02
CA ASN A 13 -10.67 5.79 -26.76
C ASN A 13 -11.22 4.49 -26.23
N LEU A 14 -12.52 4.35 -26.31
CA LEU A 14 -13.16 3.08 -25.98
C LEU A 14 -13.75 2.47 -27.25
N HIS A 15 -13.99 1.17 -27.19
CA HIS A 15 -14.67 0.44 -28.27
C HIS A 15 -15.72 -0.45 -27.62
N THR A 16 -16.86 -0.68 -28.28
CA THR A 16 -17.87 -1.58 -27.73
C THR A 16 -17.80 -2.93 -28.41
N GLN A 17 -17.65 -4.00 -27.65
CA GLN A 17 -17.52 -5.32 -28.25
C GLN A 17 -18.54 -6.31 -27.68
N LEU A 18 -18.74 -7.39 -28.44
CA LEU A 18 -19.52 -8.53 -27.96
C LEU A 18 -18.58 -9.72 -27.86
N VAL A 19 -18.87 -10.61 -26.90
CA VAL A 19 -17.96 -11.70 -26.53
C VAL A 19 -18.77 -12.99 -26.33
N ASP A 20 -18.18 -14.10 -26.76
CA ASP A 20 -18.81 -15.41 -26.60
C ASP A 20 -18.49 -15.94 -25.22
N MET A 21 -19.56 -16.29 -24.47
CA MET A 21 -19.43 -17.04 -23.22
C MET A 21 -18.78 -18.39 -23.42
N SER A 22 -18.72 -18.90 -24.65
CA SER A 22 -18.17 -20.22 -24.90
C SER A 22 -16.65 -20.23 -24.94
N MET A 23 -16.00 -19.09 -25.17
CA MET A 23 -14.57 -19.04 -25.42
C MET A 23 -13.84 -18.18 -24.40
N THR A 24 -12.58 -18.56 -24.16
CA THR A 24 -11.65 -17.75 -23.36
C THR A 24 -11.44 -16.39 -24.00
N TYR A 25 -11.27 -15.37 -23.15
CA TYR A 25 -11.04 -14.01 -23.64
C TYR A 25 -9.86 -13.96 -24.61
N GLY A 26 -8.82 -14.75 -24.37
CA GLY A 26 -7.67 -14.74 -25.26
C GLY A 26 -8.01 -15.19 -26.68
N GLN A 27 -8.93 -16.15 -26.80
CA GLN A 27 -9.29 -16.69 -28.11
C GLN A 27 -9.85 -15.60 -29.01
N GLN A 28 -10.50 -14.62 -28.40
CA GLN A 28 -11.25 -13.62 -29.12
C GLN A 28 -10.52 -12.30 -29.23
N PHE A 29 -9.82 -11.90 -28.18
CA PHE A 29 -9.18 -10.60 -28.13
C PHE A 29 -7.67 -10.68 -28.14
N GLY A 30 -7.09 -11.75 -27.65
CA GLY A 30 -5.71 -11.76 -27.23
C GLY A 30 -5.59 -11.55 -25.73
N PRO A 31 -4.40 -11.26 -25.23
CA PRO A 31 -4.23 -11.06 -23.77
C PRO A 31 -5.16 -9.96 -23.27
N THR A 32 -5.92 -10.26 -22.23
CA THR A 32 -6.96 -9.36 -21.75
C THR A 32 -6.94 -9.25 -20.23
N TYR A 33 -7.25 -8.06 -19.74
CA TYR A 33 -7.13 -7.74 -18.33
C TYR A 33 -8.33 -6.91 -17.92
N LEU A 34 -8.87 -7.20 -16.75
CA LEU A 34 -9.99 -6.46 -16.18
C LEU A 34 -9.66 -6.12 -14.74
N ASP A 35 -9.80 -4.85 -14.40
CA ASP A 35 -9.67 -4.34 -13.03
C ASP A 35 -8.49 -4.97 -12.31
N GLY A 36 -7.31 -4.88 -12.93
CA GLY A 36 -6.09 -5.32 -12.29
C GLY A 36 -5.77 -6.79 -12.38
N ALA A 37 -6.61 -7.58 -13.02
CA ALA A 37 -6.38 -9.01 -13.10
C ALA A 37 -6.03 -9.42 -14.54
N ASP A 38 -5.79 -10.72 -14.72
CA ASP A 38 -5.40 -11.31 -16.00
C ASP A 38 -6.45 -12.29 -16.49
N VAL A 39 -7.58 -11.75 -16.99
CA VAL A 39 -8.68 -12.58 -17.44
C VAL A 39 -8.40 -13.26 -18.77
N THR A 40 -7.16 -13.16 -19.25
CA THR A 40 -6.82 -13.64 -20.60
C THR A 40 -7.00 -15.13 -20.77
N LYS A 41 -7.14 -15.91 -19.69
CA LYS A 41 -7.36 -17.35 -19.75
C LYS A 41 -8.76 -17.75 -19.31
N ILE A 42 -9.61 -16.77 -19.05
CA ILE A 42 -10.88 -16.97 -18.37
C ILE A 42 -12.01 -16.80 -19.37
N LYS A 43 -13.03 -17.63 -19.25
CA LYS A 43 -14.25 -17.44 -19.99
C LYS A 43 -15.07 -16.28 -19.41
N PRO A 44 -15.89 -15.63 -20.23
CA PRO A 44 -16.66 -14.47 -19.76
C PRO A 44 -17.69 -14.84 -18.70
N HIS A 45 -17.82 -13.96 -17.70
CA HIS A 45 -18.83 -14.05 -16.64
C HIS A 45 -19.93 -13.02 -16.93
N VAL A 46 -21.17 -13.38 -16.62
CA VAL A 46 -22.27 -12.52 -17.02
C VAL A 46 -22.35 -11.25 -16.15
N ASN A 47 -21.61 -11.18 -15.04
CA ASN A 47 -21.57 -9.92 -14.29
C ASN A 47 -20.71 -8.89 -15.02
N HIS A 48 -19.87 -9.33 -15.95
CA HIS A 48 -18.84 -8.51 -16.60
C HIS A 48 -19.41 -7.55 -17.67
N GLU A 49 -20.72 -7.59 -17.95
CA GLU A 49 -21.29 -6.66 -18.93
C GLU A 49 -21.16 -5.23 -18.44
N GLY A 50 -21.03 -4.30 -19.38
CA GLY A 50 -20.95 -2.90 -19.04
C GLY A 50 -19.65 -2.50 -18.40
N LYS A 51 -18.59 -3.28 -18.59
CA LYS A 51 -17.29 -2.99 -18.00
C LYS A 51 -16.28 -2.69 -19.09
N THR A 52 -15.18 -2.06 -18.69
CA THR A 52 -14.12 -1.61 -19.58
C THR A 52 -12.85 -2.43 -19.30
N PHE A 53 -12.54 -3.37 -20.20
CA PHE A 53 -11.40 -4.27 -20.10
C PHE A 53 -10.23 -3.64 -20.83
N PHE A 54 -9.02 -3.78 -20.30
CA PHE A 54 -7.80 -3.33 -20.98
C PHE A 54 -7.15 -4.50 -21.70
N VAL A 55 -7.06 -4.39 -23.02
CA VAL A 55 -6.50 -5.43 -23.89
C VAL A 55 -5.11 -4.99 -24.33
N LEU A 56 -4.16 -5.93 -24.30
CA LEU A 56 -2.76 -5.64 -24.63
C LEU A 56 -2.30 -6.63 -25.68
N PRO A 57 -2.29 -6.25 -26.94
CA PRO A 57 -2.19 -7.24 -28.02
C PRO A 57 -0.83 -7.93 -28.06
N SER A 58 -0.36 -8.36 -26.89
CA SER A 58 0.87 -9.13 -26.71
C SER A 58 2.07 -8.38 -27.26
N ASP A 59 3.26 -8.83 -26.88
CA ASP A 59 4.49 -8.26 -27.42
C ASP A 59 5.68 -8.90 -26.69
N ASP A 60 6.69 -9.29 -27.46
CA ASP A 60 7.84 -9.98 -26.90
C ASP A 60 8.93 -9.02 -26.39
N THR A 61 9.01 -7.81 -26.93
CA THR A 61 10.07 -6.87 -26.55
C THR A 61 9.59 -5.68 -25.73
N LEU A 62 8.30 -5.62 -25.37
CA LEU A 62 7.85 -4.64 -24.40
C LEU A 62 8.56 -4.81 -23.06
N ARG A 63 9.21 -5.95 -22.85
CA ARG A 63 10.03 -6.23 -21.68
C ARG A 63 11.31 -5.39 -21.66
N SER A 64 11.55 -4.60 -22.71
CA SER A 64 12.58 -3.57 -22.65
C SER A 64 12.27 -2.70 -21.46
N GLU A 65 11.16 -1.96 -21.55
CA GLU A 65 10.75 -1.09 -20.46
C GLU A 65 10.34 -1.87 -19.22
N ALA A 66 9.83 -3.09 -19.38
CA ALA A 66 9.26 -3.84 -18.26
C ALA A 66 10.14 -3.89 -17.00
N PHE A 67 11.12 -4.79 -17.00
CA PHE A 67 12.05 -4.84 -15.88
C PHE A 67 12.73 -3.50 -15.69
N GLU A 68 12.89 -2.74 -16.77
CA GLU A 68 13.41 -1.40 -16.66
C GLU A 68 12.40 -0.50 -15.94
N TYR A 69 11.35 -0.09 -16.65
CA TYR A 69 10.48 0.99 -16.16
C TYR A 69 9.73 0.60 -14.89
N TYR A 70 9.41 -0.68 -14.74
CA TYR A 70 8.51 -1.10 -13.68
C TYR A 70 9.14 -2.02 -12.67
N HIS A 71 10.33 -2.55 -12.95
CA HIS A 71 11.10 -3.26 -11.95
C HIS A 71 10.44 -4.58 -11.58
N THR A 72 9.85 -5.22 -12.58
CA THR A 72 9.12 -6.45 -12.34
C THR A 72 9.44 -7.42 -13.46
N LEU A 73 9.34 -8.70 -13.14
CA LEU A 73 9.57 -9.74 -14.13
C LEU A 73 8.28 -10.53 -14.36
N ASP A 74 7.14 -9.83 -14.23
CA ASP A 74 5.82 -10.34 -14.54
C ASP A 74 5.45 -9.91 -15.95
N GLU A 75 5.24 -10.88 -16.84
CA GLU A 75 4.54 -10.55 -18.08
C GLU A 75 3.17 -9.94 -17.78
N SER A 76 2.53 -10.33 -16.69
CA SER A 76 1.20 -9.79 -16.48
C SER A 76 1.22 -8.35 -16.00
N PHE A 77 2.37 -7.84 -15.54
CA PHE A 77 2.35 -6.63 -14.73
C PHE A 77 1.63 -5.47 -15.42
N LEU A 78 2.04 -5.16 -16.65
CA LEU A 78 1.47 -3.99 -17.33
C LEU A 78 0.00 -4.15 -17.60
N GLY A 79 -0.42 -5.36 -17.99
CA GLY A 79 -1.84 -5.60 -18.21
C GLY A 79 -2.65 -5.37 -16.96
N ARG A 80 -2.12 -5.78 -15.81
CA ARG A 80 -2.79 -5.47 -14.56
C ARG A 80 -2.68 -3.99 -14.21
N TYR A 81 -1.50 -3.40 -14.37
CA TYR A 81 -1.32 -1.98 -14.10
C TYR A 81 -2.35 -1.13 -14.84
N MET A 82 -2.47 -1.35 -16.17
CA MET A 82 -3.27 -0.44 -16.98
C MET A 82 -4.76 -0.65 -16.75
N SER A 83 -5.21 -1.91 -16.65
CA SER A 83 -6.64 -2.15 -16.49
C SER A 83 -7.12 -1.62 -15.15
N ALA A 84 -6.21 -1.50 -14.19
CA ALA A 84 -6.58 -0.78 -12.98
C ALA A 84 -6.55 0.73 -13.19
N LEU A 85 -5.59 1.21 -13.98
CA LEU A 85 -5.50 2.65 -14.19
C LEU A 85 -6.77 3.19 -14.84
N ASN A 86 -7.45 2.36 -15.61
CA ASN A 86 -8.73 2.79 -16.15
C ASN A 86 -9.65 3.24 -15.02
N HIS A 87 -10.00 2.27 -14.17
CA HIS A 87 -10.81 2.53 -12.99
C HIS A 87 -10.20 3.63 -12.11
N THR A 88 -8.92 3.48 -11.76
CA THR A 88 -8.30 4.39 -10.82
C THR A 88 -8.52 5.83 -11.23
N LYS A 89 -8.45 6.09 -12.53
CA LYS A 89 -8.76 7.41 -13.04
C LYS A 89 -10.19 7.82 -12.70
N LYS A 90 -11.12 6.85 -12.63
CA LYS A 90 -12.50 7.22 -12.37
C LYS A 90 -12.73 7.66 -10.93
N TRP A 91 -11.85 7.29 -10.00
CA TRP A 91 -11.92 7.84 -8.65
C TRP A 91 -11.59 9.34 -8.64
N LYS A 92 -11.95 10.00 -7.53
CA LYS A 92 -11.71 11.43 -7.28
C LYS A 92 -10.73 11.61 -6.12
N PHE A 93 -9.54 12.14 -6.40
CA PHE A 93 -8.58 12.38 -5.33
C PHE A 93 -8.60 13.85 -4.95
N PRO A 94 -9.16 14.23 -3.78
CA PRO A 94 -9.04 15.62 -3.32
C PRO A 94 -7.92 15.80 -2.30
N GLN A 95 -7.15 16.88 -2.46
CA GLN A 95 -6.17 17.25 -1.45
C GLN A 95 -6.88 17.71 -0.18
N VAL A 96 -6.58 17.04 0.92
CA VAL A 96 -7.20 17.33 2.21
C VAL A 96 -6.11 17.34 3.27
N GLY A 97 -6.27 18.21 4.26
CA GLY A 97 -5.26 18.40 5.29
C GLY A 97 -3.87 18.68 4.75
N GLY A 98 -3.79 19.23 3.54
CA GLY A 98 -2.51 19.44 2.87
C GLY A 98 -2.07 18.26 2.02
N LEU A 99 -2.39 17.05 2.46
CA LEU A 99 -2.07 15.86 1.69
C LEU A 99 -3.16 15.68 0.63
N THR A 100 -3.31 14.47 0.10
CA THR A 100 -4.25 14.18 -0.98
C THR A 100 -4.95 12.86 -0.70
N SER A 101 -6.18 12.91 -0.19
CA SER A 101 -6.88 11.68 0.14
C SER A 101 -7.64 11.12 -1.07
N ILE A 102 -8.40 10.06 -0.86
CA ILE A 102 -9.16 9.39 -1.91
C ILE A 102 -10.62 9.28 -1.50
N LYS A 103 -11.50 9.96 -2.22
CA LYS A 103 -12.93 9.74 -2.05
C LYS A 103 -13.21 8.24 -2.05
N TRP A 104 -13.87 7.76 -0.99
CA TRP A 104 -14.10 6.33 -0.86
C TRP A 104 -14.81 5.79 -2.10
N ALA A 105 -14.24 4.73 -2.67
CA ALA A 105 -14.82 4.00 -3.79
C ALA A 105 -14.12 2.66 -3.89
N ASP A 106 -14.89 1.60 -4.13
CA ASP A 106 -14.32 0.28 -4.37
C ASP A 106 -13.35 -0.12 -3.26
N ASN A 107 -13.64 0.34 -2.03
CA ASN A 107 -12.99 -0.09 -0.80
C ASN A 107 -11.59 0.51 -0.72
N ASN A 108 -11.52 1.84 -0.68
CA ASN A 108 -10.24 2.54 -0.79
C ASN A 108 -9.43 2.53 0.49
N CYS A 109 -10.06 2.28 1.63
CA CYS A 109 -9.44 2.40 2.95
C CYS A 109 -7.92 2.31 2.91
N TYR A 110 -7.41 1.11 2.65
CA TYR A 110 -5.98 0.90 2.73
C TYR A 110 -5.23 1.83 1.79
N LEU A 111 -5.74 1.99 0.57
CA LEU A 111 -5.08 2.88 -0.39
C LEU A 111 -5.09 4.32 0.09
N SER A 112 -6.19 4.77 0.69
CA SER A 112 -6.20 6.13 1.22
C SER A 112 -5.13 6.29 2.29
N SER A 113 -5.17 5.44 3.32
CA SER A 113 -4.22 5.58 4.41
C SER A 113 -2.79 5.38 3.92
N VAL A 114 -2.54 4.34 3.13
CA VAL A 114 -1.25 4.17 2.46
C VAL A 114 -0.85 5.44 1.73
N LEU A 115 -1.77 6.02 0.96
CA LEU A 115 -1.39 7.22 0.24
C LEU A 115 -1.34 8.42 1.17
N LEU A 116 -2.27 8.48 2.13
CA LEU A 116 -2.22 9.53 3.13
C LEU A 116 -0.92 9.48 3.93
N ALA A 117 -0.34 8.30 4.06
CA ALA A 117 0.88 8.13 4.84
C ALA A 117 2.15 8.17 4.00
N LEU A 118 2.07 8.00 2.69
CA LEU A 118 3.32 7.99 1.95
C LEU A 118 3.72 9.39 1.48
N GLN A 119 2.82 10.38 1.57
CA GLN A 119 3.22 11.76 1.81
C GLN A 119 3.36 11.90 3.33
N GLN A 120 4.54 12.34 3.77
CA GLN A 120 4.99 12.51 5.17
C GLN A 120 6.25 11.70 5.44
N LEU A 121 6.60 10.84 4.51
CA LEU A 121 7.72 9.93 4.68
C LEU A 121 8.86 10.34 3.78
N GLU A 122 10.08 10.05 4.22
CA GLU A 122 11.29 10.42 3.49
C GLU A 122 11.81 9.21 2.74
N VAL A 123 11.25 8.99 1.56
CA VAL A 123 11.47 7.75 0.81
C VAL A 123 11.49 8.04 -0.69
N LYS A 124 12.42 7.39 -1.38
CA LYS A 124 12.62 7.61 -2.82
C LYS A 124 12.79 6.25 -3.47
N PHE A 125 11.96 5.97 -4.47
CA PHE A 125 11.83 4.61 -4.99
C PHE A 125 12.89 4.32 -6.04
N ASN A 126 13.18 3.04 -6.24
CA ASN A 126 14.20 2.66 -7.20
C ASN A 126 13.62 2.27 -8.55
N ALA A 127 12.31 2.42 -8.74
CA ALA A 127 11.68 2.25 -10.04
C ALA A 127 11.15 3.60 -10.51
N PRO A 128 11.53 4.07 -11.71
CA PRO A 128 11.11 5.43 -12.10
C PRO A 128 9.60 5.60 -12.13
N ALA A 129 8.88 4.55 -12.52
CA ALA A 129 7.42 4.61 -12.67
C ALA A 129 6.73 5.09 -11.38
N LEU A 130 7.19 4.61 -10.23
CA LEU A 130 6.68 5.11 -8.96
C LEU A 130 7.00 6.59 -8.75
N GLN A 131 8.26 6.98 -8.99
CA GLN A 131 8.62 8.38 -8.80
C GLN A 131 7.65 9.35 -9.44
N GLU A 132 7.36 9.13 -10.72
CA GLU A 132 6.44 10.00 -11.44
C GLU A 132 5.18 10.12 -10.61
N ALA A 133 4.47 8.99 -10.48
CA ALA A 133 3.15 8.98 -9.87
C ALA A 133 3.15 9.67 -8.51
N TYR A 134 4.04 9.25 -7.61
CA TYR A 134 4.14 9.80 -6.25
C TYR A 134 3.96 11.32 -6.30
N TYR A 135 4.60 11.92 -7.29
CA TYR A 135 4.60 13.37 -7.43
C TYR A 135 3.39 13.88 -8.20
N ARG A 136 2.91 13.11 -9.17
CA ARG A 136 1.55 13.29 -9.66
C ARG A 136 0.54 13.11 -8.54
N ALA A 137 0.87 12.26 -7.56
CA ALA A 137 -0.05 12.03 -6.45
C ALA A 137 -0.02 13.19 -5.45
N ARG A 138 1.15 13.79 -5.24
CA ARG A 138 1.22 14.94 -4.36
C ARG A 138 0.47 16.12 -4.95
N ALA A 139 0.57 16.31 -6.26
CA ALA A 139 -0.20 17.35 -6.93
C ALA A 139 -1.65 16.94 -7.15
N GLY A 140 -1.92 15.64 -7.33
CA GLY A 140 -3.29 15.17 -7.47
C GLY A 140 -3.58 14.15 -8.57
N ASP A 141 -2.66 13.95 -9.52
CA ASP A 141 -2.81 12.89 -10.54
C ASP A 141 -2.37 11.53 -9.98
N ALA A 142 -3.09 11.12 -8.93
CA ALA A 142 -2.76 9.93 -8.15
C ALA A 142 -3.22 8.63 -8.79
N ALA A 143 -4.03 8.70 -9.85
CA ALA A 143 -4.54 7.46 -10.43
C ALA A 143 -3.41 6.55 -10.88
N ASN A 144 -2.30 7.12 -11.38
CA ASN A 144 -1.19 6.25 -11.75
C ASN A 144 -0.60 5.56 -10.53
N PHE A 145 -0.69 6.19 -9.36
CA PHE A 145 -0.07 5.62 -8.17
C PHE A 145 -0.87 4.44 -7.62
N CYS A 146 -2.16 4.66 -7.33
CA CYS A 146 -3.00 3.57 -6.83
C CYS A 146 -3.01 2.39 -7.80
N ALA A 147 -2.96 2.63 -9.10
CA ALA A 147 -2.86 1.53 -10.04
C ALA A 147 -1.60 0.69 -9.81
N LEU A 148 -0.46 1.35 -9.66
CA LEU A 148 0.77 0.58 -9.40
C LEU A 148 0.75 -0.05 -8.02
N ILE A 149 0.19 0.65 -7.03
CA ILE A 149 0.04 0.09 -5.70
C ILE A 149 -0.72 -1.22 -5.75
N LEU A 150 -1.78 -1.24 -6.55
CA LEU A 150 -2.50 -2.47 -6.81
C LEU A 150 -1.61 -3.51 -7.48
N ALA A 151 -0.97 -3.14 -8.59
CA ALA A 151 -0.21 -4.13 -9.35
C ALA A 151 1.03 -4.63 -8.59
N TYR A 152 1.68 -3.77 -7.81
CA TYR A 152 2.81 -4.25 -7.06
C TYR A 152 2.37 -5.19 -5.96
N SER A 153 1.25 -4.87 -5.31
CA SER A 153 0.66 -5.70 -4.27
C SER A 153 -0.09 -6.90 -4.82
N ASN A 154 -0.30 -6.98 -6.13
CA ASN A 154 -1.07 -8.06 -6.76
C ASN A 154 -2.52 -8.01 -6.31
N LYS A 155 -3.04 -6.80 -6.17
CA LYS A 155 -4.41 -6.66 -5.76
C LYS A 155 -5.23 -6.15 -6.91
N THR A 156 -6.54 -6.34 -6.76
CA THR A 156 -7.60 -6.02 -7.70
C THR A 156 -8.35 -4.81 -7.19
N VAL A 157 -8.90 -4.03 -8.12
CA VAL A 157 -9.80 -2.96 -7.73
C VAL A 157 -10.93 -3.55 -6.88
N GLY A 158 -11.18 -2.92 -5.73
CA GLY A 158 -12.27 -3.38 -4.92
C GLY A 158 -11.98 -4.53 -3.99
N GLU A 159 -10.74 -4.98 -3.90
CA GLU A 159 -10.36 -6.04 -2.98
C GLU A 159 -9.76 -5.40 -1.74
N LEU A 160 -10.39 -5.60 -0.58
CA LEU A 160 -9.87 -5.07 0.67
C LEU A 160 -8.40 -5.44 0.87
N GLY A 161 -7.65 -4.53 1.46
CA GLY A 161 -6.25 -4.75 1.72
C GLY A 161 -5.89 -4.30 3.12
N ASP A 162 -4.85 -4.96 3.66
CA ASP A 162 -4.20 -4.55 4.89
C ASP A 162 -3.14 -3.50 4.55
N VAL A 163 -3.21 -2.34 5.19
CA VAL A 163 -2.26 -1.27 4.92
C VAL A 163 -0.83 -1.75 5.16
N ARG A 164 -0.60 -2.47 6.25
CA ARG A 164 0.74 -2.93 6.53
C ARG A 164 1.28 -3.80 5.40
N GLU A 165 0.55 -4.88 5.08
CA GLU A 165 1.06 -5.83 4.09
C GLU A 165 1.24 -5.16 2.73
N THR A 166 0.51 -4.09 2.46
CA THR A 166 0.61 -3.44 1.16
C THR A 166 1.97 -2.77 1.03
N MET A 167 2.44 -2.16 2.11
CA MET A 167 3.66 -1.37 1.99
C MET A 167 4.88 -2.25 1.86
N THR A 168 4.86 -3.41 2.49
CA THR A 168 5.86 -4.43 2.19
C THR A 168 6.22 -4.48 0.72
N HIS A 169 5.23 -4.39 -0.15
CA HIS A 169 5.49 -4.57 -1.57
C HIS A 169 5.99 -3.29 -2.21
N LEU A 170 5.51 -2.14 -1.75
CA LEU A 170 6.04 -0.85 -2.20
C LEU A 170 7.42 -0.58 -1.62
N LEU A 171 7.66 -1.00 -0.39
CA LEU A 171 8.96 -0.74 0.17
C LEU A 171 10.03 -1.64 -0.41
N GLN A 172 9.67 -2.79 -1.00
CA GLN A 172 10.69 -3.56 -1.73
C GLN A 172 11.36 -2.76 -2.82
N HIS A 173 10.76 -1.67 -3.27
CA HIS A 173 11.25 -1.01 -4.46
C HIS A 173 11.80 0.39 -4.17
N ALA A 174 12.32 0.60 -2.95
CA ALA A 174 12.68 1.94 -2.47
C ALA A 174 14.07 1.90 -1.85
N ASN A 175 14.50 3.03 -1.26
CA ASN A 175 15.85 3.19 -0.72
C ASN A 175 16.01 2.38 0.55
N LEU A 176 16.73 1.27 0.46
CA LEU A 176 16.69 0.20 1.46
C LEU A 176 18.01 0.10 2.23
N GLU A 177 19.09 -0.28 1.56
CA GLU A 177 20.38 -0.51 2.19
C GLU A 177 20.91 0.71 2.94
N SER A 178 20.40 1.91 2.59
CA SER A 178 20.68 3.13 3.33
C SER A 178 20.27 3.03 4.80
N ALA A 179 19.42 2.07 5.14
CA ALA A 179 18.78 1.97 6.45
C ALA A 179 19.27 0.75 7.20
N LYS A 180 19.24 0.88 8.53
CA LYS A 180 19.81 -0.10 9.45
C LYS A 180 19.03 -0.05 10.75
N ARG A 181 18.63 -1.22 11.27
CA ARG A 181 18.14 -1.33 12.63
C ARG A 181 18.85 -2.49 13.30
N VAL A 182 19.13 -2.35 14.61
CA VAL A 182 19.65 -3.45 15.41
C VAL A 182 18.80 -3.64 16.65
N LEU A 183 18.59 -4.90 17.02
CA LEU A 183 17.81 -5.29 18.17
C LEU A 183 18.48 -6.46 18.86
N ASN A 184 18.33 -6.49 20.18
CA ASN A 184 18.82 -7.60 20.97
C ASN A 184 17.70 -8.08 21.88
N VAL A 185 17.57 -9.39 22.00
CA VAL A 185 16.64 -10.01 22.92
C VAL A 185 17.47 -10.82 23.93
N VAL A 186 16.90 -11.08 25.10
CA VAL A 186 17.66 -11.77 26.13
C VAL A 186 17.08 -13.16 26.47
N HIS A 189 15.58 -14.50 29.85
CA HIS A 189 16.15 -15.63 30.58
C HIS A 189 17.46 -16.11 29.95
N CYS A 190 17.64 -17.43 29.91
CA CYS A 190 18.93 -18.00 29.58
C CYS A 190 19.15 -18.06 28.07
N GLY A 191 20.42 -17.91 27.67
CA GLY A 191 20.78 -17.46 26.34
C GLY A 191 20.53 -15.97 26.16
N GLN A 192 21.02 -15.45 25.04
CA GLN A 192 20.71 -14.09 24.59
C GLN A 192 20.95 -14.02 23.10
N LYS A 193 20.35 -13.01 22.47
CA LYS A 193 20.25 -12.99 21.01
C LYS A 193 20.15 -11.56 20.48
N THR A 194 21.10 -11.21 19.63
CA THR A 194 21.19 -9.91 18.98
C THR A 194 21.18 -10.10 17.47
N THR A 195 20.41 -9.24 16.79
CA THR A 195 20.13 -9.39 15.37
C THR A 195 20.17 -8.03 14.68
N THR A 196 20.66 -8.01 13.43
CA THR A 196 20.59 -6.80 12.59
C THR A 196 19.89 -7.09 11.27
N LEU A 197 19.02 -6.15 10.88
CA LEU A 197 18.17 -6.25 9.71
C LEU A 197 18.45 -5.08 8.76
N THR A 198 18.46 -5.36 7.46
CA THR A 198 18.69 -4.33 6.46
C THR A 198 17.40 -3.98 5.74
N GLY A 199 17.33 -2.72 5.31
CA GLY A 199 16.22 -2.27 4.49
C GLY A 199 14.89 -2.39 5.21
N VAL A 200 13.82 -2.58 4.41
CA VAL A 200 12.44 -2.72 4.87
C VAL A 200 12.34 -3.49 6.19
N GLU A 201 13.02 -4.65 6.28
CA GLU A 201 13.13 -5.38 7.53
C GLU A 201 13.41 -4.44 8.71
N ALA A 202 14.31 -3.47 8.48
CA ALA A 202 14.80 -2.61 9.54
C ALA A 202 13.80 -1.54 9.96
N VAL A 203 12.87 -1.14 9.11
CA VAL A 203 11.98 -0.04 9.48
C VAL A 203 10.60 -0.49 9.94
N MET A 204 10.27 -1.77 9.77
CA MET A 204 8.94 -2.31 10.09
C MET A 204 9.00 -3.26 11.28
N TYR A 205 8.08 -3.08 12.23
CA TYR A 205 7.98 -3.92 13.41
C TYR A 205 6.52 -4.36 13.63
N MET A 206 6.34 -5.62 14.03
CA MET A 206 5.02 -6.17 14.37
C MET A 206 5.04 -6.61 15.82
N GLY A 207 4.20 -5.97 16.65
CA GLY A 207 4.19 -6.24 18.06
C GLY A 207 3.68 -5.10 18.91
N THR A 208 4.19 -3.90 18.73
CA THR A 208 3.72 -2.75 19.51
C THR A 208 3.57 -1.53 18.62
N LEU A 209 2.79 -0.57 19.12
CA LEU A 209 2.60 0.71 18.47
C LEU A 209 3.56 1.77 18.99
N SER A 210 4.25 1.49 20.11
CA SER A 210 5.08 2.51 20.78
C SER A 210 6.54 2.26 20.42
N TYR A 211 7.14 3.23 19.70
CA TYR A 211 8.59 3.28 19.59
C TYR A 211 9.20 3.25 20.98
N ASP A 212 8.67 4.10 21.86
CA ASP A 212 9.18 4.23 23.22
C ASP A 212 9.33 2.88 23.89
N ASN A 213 8.31 2.03 23.80
CA ASN A 213 8.44 0.71 24.40
C ASN A 213 9.54 -0.09 23.74
N LEU A 214 9.52 -0.17 22.41
CA LEU A 214 10.64 -0.81 21.73
C LEU A 214 11.96 -0.31 22.29
N LYS A 215 12.06 1.00 22.51
CA LYS A 215 13.27 1.58 23.09
C LYS A 215 13.38 1.26 24.58
N THR A 216 12.24 1.11 25.26
CA THR A 216 12.20 0.81 26.69
C THR A 216 12.34 -0.70 26.91
N GLY A 217 11.31 -1.43 26.55
CA GLY A 217 11.27 -2.86 26.76
C GLY A 217 10.09 -3.46 26.01
N VAL A 218 10.31 -4.65 25.49
CA VAL A 218 9.24 -5.33 24.75
C VAL A 218 9.43 -6.83 24.90
N SER A 219 8.33 -7.54 25.15
CA SER A 219 8.39 -8.92 25.62
C SER A 219 8.20 -9.93 24.48
N ILE A 220 9.05 -10.96 24.48
CA ILE A 220 9.25 -11.83 23.34
C ILE A 220 9.33 -13.26 23.86
N PRO A 221 9.03 -14.28 23.05
CA PRO A 221 9.04 -15.66 23.56
C PRO A 221 10.37 -16.40 23.40
N CYS A 222 10.25 -17.70 23.10
CA CYS A 222 11.18 -18.75 23.49
C CYS A 222 12.09 -18.38 24.64
N VAL A 223 13.02 -17.45 24.40
CA VAL A 223 14.12 -17.25 25.31
C VAL A 223 14.67 -18.65 25.55
N CYS A 224 14.41 -19.16 26.76
CA CYS A 224 14.31 -20.56 27.07
C CYS A 224 12.85 -20.97 27.32
N GLY A 225 12.16 -20.27 28.24
CA GLY A 225 10.74 -20.41 28.46
C GLY A 225 9.84 -19.54 27.58
N ARG A 226 9.38 -18.39 28.10
CA ARG A 226 8.38 -17.61 27.35
C ARG A 226 8.47 -16.07 27.43
N ASP A 227 9.32 -15.47 28.30
CA ASP A 227 9.31 -14.01 28.50
C ASP A 227 10.75 -13.46 28.50
N ALA A 228 11.32 -13.31 27.30
CA ALA A 228 12.53 -12.52 27.16
C ALA A 228 12.14 -11.07 27.13
N THR A 229 13.15 -10.21 27.11
CA THR A 229 12.92 -8.83 26.71
C THR A 229 13.74 -8.57 25.46
N GLN A 230 13.13 -7.90 24.50
CA GLN A 230 13.86 -7.37 23.35
C GLN A 230 13.71 -5.85 23.37
N TYR A 231 14.75 -5.18 22.89
CA TYR A 231 14.81 -3.73 22.89
C TYR A 231 15.60 -3.29 21.69
N LEU A 232 15.42 -2.03 21.32
CA LEU A 232 16.11 -1.47 20.17
C LEU A 232 17.51 -1.02 20.58
N VAL A 233 18.51 -1.40 19.80
CA VAL A 233 19.89 -1.00 20.09
C VAL A 233 20.28 0.17 19.20
N GLN A 234 20.14 0.01 17.89
CA GLN A 234 20.40 1.07 16.94
C GLN A 234 19.37 1.02 15.82
N GLN A 235 18.93 2.20 15.40
CA GLN A 235 18.08 2.36 14.23
C GLN A 235 18.64 3.50 13.40
N GLU A 236 19.02 3.22 12.16
CA GLU A 236 19.56 4.22 11.25
C GLU A 236 18.59 4.33 10.07
N SER A 237 17.58 5.19 10.21
CA SER A 237 16.60 5.34 9.15
C SER A 237 15.80 6.61 9.39
N SER A 238 15.11 7.02 8.31
CA SER A 238 14.48 8.34 8.21
C SER A 238 13.12 8.42 8.92
N PHE A 239 12.42 7.29 9.04
CA PHE A 239 11.16 7.22 9.79
C PHE A 239 11.09 5.84 10.44
N VAL A 240 9.99 5.58 11.13
CA VAL A 240 9.73 4.23 11.59
C VAL A 240 8.25 3.92 11.51
N MET A 241 7.96 2.68 11.17
CA MET A 241 6.62 2.13 11.22
C MET A 241 6.54 1.17 12.38
N MET A 242 5.55 1.38 13.23
CA MET A 242 5.25 0.47 14.31
C MET A 242 3.84 -0.02 14.10
N SER A 243 3.69 -1.34 14.00
CA SER A 243 2.39 -1.92 13.69
C SER A 243 2.06 -3.03 14.69
N ALA A 244 0.80 -3.04 15.11
CA ALA A 244 0.32 -4.09 15.99
C ALA A 244 -1.09 -4.47 15.58
N PRO A 245 -1.55 -5.66 15.95
CA PRO A 245 -2.97 -5.95 15.89
C PRO A 245 -3.76 -4.82 16.52
N PRO A 246 -4.89 -4.44 15.93
CA PRO A 246 -5.50 -3.16 16.29
C PRO A 246 -5.81 -3.13 17.77
N ALA A 247 -5.49 -2.00 18.39
CA ALA A 247 -5.63 -1.85 19.82
C ALA A 247 -6.00 -0.40 20.09
N GLU A 248 -6.50 -0.15 21.30
CA GLU A 248 -6.74 1.21 21.75
C GLU A 248 -5.41 1.88 22.11
N TYR A 249 -5.22 3.13 21.67
CA TYR A 249 -3.92 3.76 21.85
C TYR A 249 -4.10 5.26 22.01
N LYS A 250 -3.05 5.90 22.54
CA LYS A 250 -3.05 7.32 22.86
C LYS A 250 -2.09 8.06 21.93
N LEU A 251 -2.62 9.04 21.20
CA LEU A 251 -1.81 9.90 20.31
C LEU A 251 -1.91 11.36 20.74
N GLN A 252 -0.77 12.03 20.83
CA GLN A 252 -0.72 13.45 21.19
C GLN A 252 0.10 14.21 20.15
N GLN A 253 -0.09 15.54 20.07
CA GLN A 253 0.56 16.27 18.99
C GLN A 253 2.07 16.25 19.25
N GLY A 254 2.85 16.10 18.19
CA GLY A 254 4.28 16.00 18.38
C GLY A 254 4.77 14.69 18.95
N THR A 255 3.87 13.78 19.37
CA THR A 255 4.30 12.46 19.79
C THR A 255 4.70 11.60 18.61
N PHE A 256 4.00 11.76 17.48
CA PHE A 256 4.06 10.83 16.36
C PHE A 256 3.90 11.57 15.04
N LEU A 257 4.54 11.02 14.01
CA LEU A 257 4.31 11.51 12.67
C LEU A 257 2.84 11.36 12.32
N CYS A 258 2.43 10.17 11.91
CA CYS A 258 1.01 9.94 11.63
C CYS A 258 0.65 8.51 12.03
N ALA A 259 -0.64 8.18 11.91
CA ALA A 259 -1.19 6.89 12.32
C ALA A 259 -2.50 6.61 11.59
N ASN A 260 -2.91 5.33 11.59
CA ASN A 260 -4.15 4.95 10.93
C ASN A 260 -4.95 3.93 11.76
N GLU A 261 -6.27 4.09 11.74
CA GLU A 261 -7.18 3.53 12.75
C GLU A 261 -8.11 2.50 12.11
N TYR A 262 -7.98 1.25 12.54
CA TYR A 262 -8.72 0.13 11.97
C TYR A 262 -9.89 -0.21 12.89
N THR A 263 -11.10 -0.13 12.34
CA THR A 263 -12.32 -0.33 13.11
C THR A 263 -13.14 -1.40 12.39
N GLY A 264 -12.89 -2.66 12.76
CA GLY A 264 -13.68 -3.77 12.25
C GLY A 264 -13.09 -5.11 12.68
N ASN A 265 -13.56 -6.18 12.04
CA ASN A 265 -13.06 -7.53 12.30
C ASN A 265 -11.77 -7.78 11.54
N TYR A 266 -11.25 -8.98 11.68
CA TYR A 266 -9.95 -9.33 11.11
C TYR A 266 -9.87 -8.84 9.68
N GLN A 267 -10.51 -9.53 8.75
CA GLN A 267 -10.40 -9.11 7.37
C GLN A 267 -11.59 -8.30 6.93
N CYS A 268 -12.39 -7.80 7.86
CA CYS A 268 -13.45 -6.82 7.55
C CYS A 268 -13.36 -5.68 8.54
N GLY A 269 -12.78 -4.56 8.09
CA GLY A 269 -12.68 -3.39 8.92
C GLY A 269 -12.49 -2.14 8.11
N HIS A 270 -12.20 -1.04 8.80
CA HIS A 270 -12.17 0.29 8.23
C HIS A 270 -10.91 1.02 8.67
N TYR A 271 -10.02 1.34 7.73
CA TYR A 271 -8.83 2.15 7.97
C TYR A 271 -9.17 3.64 7.97
N THR A 272 -8.71 4.36 9.00
CA THR A 272 -8.87 5.82 9.06
C THR A 272 -7.54 6.44 9.42
N HIS A 273 -7.05 7.36 8.61
CA HIS A 273 -5.72 7.95 8.79
C HIS A 273 -5.75 9.24 9.60
N ILE A 274 -4.84 9.33 10.59
CA ILE A 274 -4.65 10.50 11.44
C ILE A 274 -3.25 11.05 11.19
N THR A 275 -3.12 12.37 11.07
CA THR A 275 -1.82 12.98 10.99
C THR A 275 -1.73 14.15 11.95
N ALA A 276 -0.51 14.40 12.43
CA ALA A 276 -0.22 15.40 13.46
C ALA A 276 0.39 16.63 12.80
N LYS A 277 -0.34 17.74 12.83
CA LYS A 277 0.19 18.99 12.32
C LYS A 277 0.05 20.07 13.41
N GLU A 278 -0.58 21.19 13.06
CA GLU A 278 -1.04 22.17 14.04
C GLU A 278 -1.68 21.51 15.25
N THR A 279 -2.62 20.60 15.01
CA THR A 279 -3.34 19.80 15.98
C THR A 279 -3.59 18.49 15.26
N LEU A 280 -4.08 17.47 15.96
CA LEU A 280 -4.27 16.21 15.25
C LEU A 280 -5.31 16.40 14.15
N TYR A 281 -5.06 15.78 12.99
CA TYR A 281 -5.91 15.87 11.82
C TYR A 281 -6.24 14.45 11.38
N ARG A 282 -7.51 14.06 11.48
CA ARG A 282 -7.99 12.74 11.10
C ARG A 282 -8.66 12.79 9.73
N ILE A 283 -8.28 11.88 8.84
CA ILE A 283 -8.81 11.86 7.49
C ILE A 283 -9.53 10.53 7.25
N ASP A 284 -10.68 10.60 6.59
CA ASP A 284 -11.48 9.43 6.22
C ASP A 284 -12.02 9.64 4.82
N GLY A 285 -11.30 9.17 3.82
CA GLY A 285 -11.71 9.52 2.46
C GLY A 285 -11.49 10.99 2.26
N ALA A 286 -12.53 11.69 1.78
CA ALA A 286 -12.43 13.15 1.66
C ALA A 286 -12.48 13.83 3.03
N HIS A 287 -13.31 13.31 3.93
CA HIS A 287 -13.64 13.91 5.21
C HIS A 287 -12.40 14.22 6.06
N LEU A 288 -12.64 14.88 7.20
CA LEU A 288 -11.59 15.24 8.14
C LEU A 288 -12.19 15.74 9.46
N THR A 289 -11.60 15.33 10.57
CA THR A 289 -11.93 15.86 11.88
C THR A 289 -10.59 16.24 12.46
N LYS A 290 -10.47 17.40 13.08
CA LYS A 290 -9.22 17.74 13.75
C LYS A 290 -9.47 17.97 15.24
N MET A 291 -8.58 17.41 16.07
CA MET A 291 -8.76 17.37 17.51
C MET A 291 -7.40 17.59 18.15
N SER A 292 -7.40 17.90 19.45
CA SER A 292 -6.18 17.94 20.24
C SER A 292 -6.01 16.70 21.09
N GLU A 293 -6.97 15.77 21.04
CA GLU A 293 -6.83 14.48 21.67
C GLU A 293 -7.36 13.43 20.70
N TYR A 294 -7.03 12.18 20.96
CA TYR A 294 -7.51 11.15 20.04
C TYR A 294 -8.31 10.07 20.77
N LYS A 295 -7.66 9.00 21.26
CA LYS A 295 -8.32 7.80 21.76
C LYS A 295 -9.16 7.07 20.72
N GLY A 296 -8.58 6.08 20.06
CA GLY A 296 -9.32 5.16 19.25
C GLY A 296 -8.57 3.86 19.08
N PRO A 297 -8.90 3.09 18.02
CA PRO A 297 -8.23 1.81 17.78
C PRO A 297 -7.22 1.91 16.65
N VAL A 298 -5.94 1.73 16.94
CA VAL A 298 -4.90 1.90 15.93
C VAL A 298 -4.21 0.57 15.67
N THR A 299 -3.83 0.37 14.40
CA THR A 299 -2.95 -0.74 14.04
C THR A 299 -1.56 -0.28 13.62
N ASP A 300 -1.37 1.02 13.35
CA ASP A 300 -0.11 1.48 12.79
C ASP A 300 0.21 2.91 13.20
N VAL A 301 1.41 3.16 13.73
CA VAL A 301 1.83 4.52 14.11
C VAL A 301 3.18 4.86 13.50
N PHE A 302 3.38 6.14 13.19
CA PHE A 302 4.55 6.56 12.44
C PHE A 302 5.32 7.64 13.20
N TYR A 303 6.64 7.49 13.21
CA TYR A 303 7.53 8.39 13.93
C TYR A 303 8.66 8.77 13.00
N LYS A 304 8.89 10.07 12.83
CA LYS A 304 10.10 10.47 12.14
C LYS A 304 11.28 10.18 13.06
N GLU A 305 12.44 9.92 12.46
CA GLU A 305 13.64 9.66 13.24
C GLU A 305 14.86 9.91 12.38
N THR A 306 15.91 10.40 13.02
CA THR A 306 17.22 10.57 12.37
C THR A 306 18.12 9.34 12.58
N SER A 307 18.60 9.15 13.81
CA SER A 307 19.35 7.95 14.17
C SER A 307 19.29 7.82 15.68
N TYR A 308 19.45 6.59 16.17
CA TYR A 308 19.47 6.37 17.61
C TYR A 308 20.44 5.24 17.93
N THR A 309 21.23 5.43 19.00
CA THR A 309 22.13 4.42 19.54
C THR A 309 21.92 4.30 21.05
N THR A 310 21.93 3.06 21.54
CA THR A 310 21.58 2.74 22.91
C THR A 310 22.70 3.12 23.89
#